data_8C7P
#
_entry.id   8C7P
#
_cell.length_a   91.318
_cell.length_b   91.318
_cell.length_c   77.391
_cell.angle_alpha   90.000
_cell.angle_beta   90.000
_cell.angle_gamma   120.000
#
_symmetry.space_group_name_H-M   'P 32 2 1'
#
loop_
_entity.id
_entity.type
_entity.pdbx_description
1 polymer 'Cobalamin ABC transporter'
2 non-polymer COBALAMIN
#
_entity_poly.entity_id   1
_entity_poly.type   'polypeptide(L)'
_entity_poly.pdbx_seq_one_letter_code
;GPLNLTRRQQIAIGFVLVLMMLLTRSHHWASIHSLPDASWAIFFLLGVYVRALWVVPALIAASVVIDYVAITWGGVSDFC
VSPAYWLLIPAYLALFAGGRFYARGHSLSLLGLFRLAGVALAVVAVAQLLTTGGFYFYSGRFADPTLAGLVLRLEKYFPP
MLGTFALYVGLAATVHVALAAVFRRDGDPRTLMGTRRER
;
_entity_poly.pdbx_strand_id   A
#
loop_
_chem_comp.id
_chem_comp.type
_chem_comp.name
_chem_comp.formula
B12 non-polymer COBALAMIN 'C62 H89 Co N13 O14 P 2'
#
# COMPACT_ATOMS: atom_id res chain seq x y z
N ASN A 4 -7.02 -16.72 18.33
CA ASN A 4 -5.67 -17.34 18.27
C ASN A 4 -5.59 -18.29 17.08
N LEU A 5 -4.90 -17.86 16.03
CA LEU A 5 -4.78 -18.61 14.78
C LEU A 5 -3.73 -19.72 14.93
N THR A 6 -4.02 -20.91 14.38
CA THR A 6 -3.02 -21.97 14.32
C THR A 6 -1.98 -21.57 13.30
N ARG A 7 -0.74 -22.06 13.46
CA ARG A 7 0.38 -21.84 12.56
C ARG A 7 -0.02 -22.12 11.11
N ARG A 8 -0.85 -23.14 10.91
CA ARG A 8 -1.36 -23.41 9.58
C ARG A 8 -2.20 -22.24 9.08
N GLN A 9 -3.14 -21.71 9.86
CA GLN A 9 -3.99 -20.63 9.37
C GLN A 9 -3.15 -19.40 9.06
N GLN A 10 -2.15 -19.11 9.89
CA GLN A 10 -1.22 -18.02 9.61
C GLN A 10 -0.51 -18.18 8.26
N ILE A 11 0.12 -19.33 8.03
CA ILE A 11 0.74 -19.61 6.75
C ILE A 11 -0.20 -19.22 5.60
N ALA A 12 -1.47 -19.61 5.68
CA ALA A 12 -2.41 -19.34 4.61
C ALA A 12 -2.51 -17.84 4.38
N ILE A 13 -2.74 -17.10 5.47
CA ILE A 13 -2.79 -15.65 5.45
C ILE A 13 -1.53 -15.09 4.79
N GLY A 14 -0.35 -15.34 5.39
CA GLY A 14 0.87 -14.93 4.72
C GLY A 14 0.87 -15.16 3.18
N PHE A 15 0.74 -16.43 2.72
CA PHE A 15 0.69 -16.69 1.29
C PHE A 15 -0.29 -15.79 0.55
N VAL A 16 -1.52 -15.65 1.08
CA VAL A 16 -2.49 -14.75 0.47
C VAL A 16 -1.97 -13.31 0.24
N LEU A 17 -1.38 -12.73 1.30
CA LEU A 17 -0.72 -11.42 1.18
C LEU A 17 0.30 -11.40 0.04
N VAL A 18 1.34 -12.24 0.18
CA VAL A 18 2.41 -12.38 -0.80
C VAL A 18 1.83 -12.58 -2.22
N LEU A 19 0.81 -13.44 -2.29
CA LEU A 19 0.19 -13.69 -3.58
C LEU A 19 -0.38 -12.38 -4.15
N MET A 20 -1.21 -11.71 -3.35
CA MET A 20 -1.85 -10.53 -3.87
CA MET A 20 -1.85 -10.52 -3.85
C MET A 20 -0.77 -9.55 -4.29
N MET A 21 0.37 -9.60 -3.60
CA MET A 21 1.41 -8.67 -3.95
C MET A 21 1.90 -9.09 -5.33
N LEU A 22 2.31 -10.37 -5.45
CA LEU A 22 2.82 -10.97 -6.68
C LEU A 22 1.98 -10.59 -7.89
N LEU A 23 0.62 -10.63 -7.76
CA LEU A 23 -0.35 -10.41 -8.83
C LEU A 23 -0.52 -8.92 -9.12
N THR A 24 -0.66 -8.14 -8.05
CA THR A 24 -1.05 -6.75 -8.24
C THR A 24 0.13 -5.78 -8.40
N ARG A 25 1.34 -6.13 -7.92
CA ARG A 25 2.40 -5.13 -7.76
C ARG A 25 2.84 -4.52 -9.08
N SER A 26 2.20 -4.93 -10.18
CA SER A 26 2.65 -4.56 -11.51
C SER A 26 1.71 -3.53 -12.14
N HIS A 27 0.74 -3.06 -11.35
CA HIS A 27 -0.30 -2.16 -11.81
C HIS A 27 -0.65 -1.24 -10.64
N HIS A 28 -0.35 0.06 -10.83
CA HIS A 28 -0.62 1.08 -9.85
C HIS A 28 -2.13 1.29 -9.74
N TRP A 29 -2.86 0.98 -10.83
CA TRP A 29 -4.30 1.07 -10.73
C TRP A 29 -4.93 0.12 -11.71
N ALA A 30 -6.23 -0.09 -11.50
CA ALA A 30 -6.98 -1.21 -12.03
C ALA A 30 -7.02 -1.06 -13.53
N SER A 31 -6.69 -2.18 -14.22
CA SER A 31 -6.83 -2.41 -15.65
C SER A 31 -8.21 -3.02 -15.86
N ILE A 32 -8.58 -3.36 -17.09
CA ILE A 32 -9.74 -4.22 -17.35
C ILE A 32 -9.33 -5.66 -17.12
N HIS A 33 -8.02 -5.94 -17.22
CA HIS A 33 -7.47 -7.28 -17.21
C HIS A 33 -6.64 -7.50 -15.94
N SER A 34 -6.62 -6.52 -15.03
CA SER A 34 -5.60 -6.46 -13.97
C SER A 34 -6.20 -5.86 -12.71
N LEU A 35 -5.77 -6.41 -11.57
CA LEU A 35 -6.09 -5.83 -10.28
C LEU A 35 -4.98 -4.84 -9.90
N PRO A 36 -5.31 -3.79 -9.11
CA PRO A 36 -4.33 -2.74 -8.78
C PRO A 36 -3.49 -3.09 -7.56
N ASP A 37 -2.26 -2.59 -7.52
CA ASP A 37 -1.31 -3.00 -6.50
C ASP A 37 -1.95 -2.99 -5.10
N ALA A 38 -1.99 -4.13 -4.39
CA ALA A 38 -2.67 -4.16 -3.11
C ALA A 38 -1.71 -3.84 -1.96
N SER A 39 -0.47 -3.47 -2.28
CA SER A 39 0.59 -3.34 -1.27
C SER A 39 0.29 -2.25 -0.21
N TRP A 40 -0.14 -1.06 -0.66
CA TRP A 40 -0.35 0.04 0.27
C TRP A 40 -1.48 -0.28 1.27
N ALA A 41 -2.63 -0.85 0.82
CA ALA A 41 -3.72 -1.20 1.73
C ALA A 41 -3.27 -2.31 2.64
N ILE A 42 -2.40 -3.21 2.13
CA ILE A 42 -1.91 -4.33 2.91
C ILE A 42 -1.09 -3.80 4.07
N PHE A 43 -0.23 -2.79 3.88
CA PHE A 43 0.56 -2.34 5.00
C PHE A 43 -0.23 -1.54 6.06
N PHE A 44 -1.25 -0.77 5.60
CA PHE A 44 -2.20 -0.09 6.47
C PHE A 44 -2.95 -1.15 7.30
N LEU A 45 -3.39 -2.22 6.64
CA LEU A 45 -4.19 -3.24 7.28
C LEU A 45 -3.34 -3.99 8.29
N LEU A 46 -2.05 -4.18 8.03
CA LEU A 46 -1.23 -4.84 9.03
C LEU A 46 -1.11 -3.96 10.27
N GLY A 47 -1.12 -2.63 10.06
CA GLY A 47 -1.19 -1.69 11.19
C GLY A 47 -2.43 -1.88 12.05
N VAL A 48 -3.57 -2.01 11.36
CA VAL A 48 -4.84 -2.18 12.03
C VAL A 48 -4.83 -3.46 12.84
N TYR A 49 -4.34 -4.58 12.27
CA TYR A 49 -4.69 -5.90 12.81
C TYR A 49 -3.56 -6.63 13.53
N VAL A 50 -2.36 -6.52 13.00
CA VAL A 50 -1.36 -7.51 13.34
C VAL A 50 -0.43 -6.91 14.40
N ARG A 51 -0.25 -7.60 15.53
CA ARG A 51 0.65 -7.10 16.55
C ARG A 51 2.11 -7.36 16.18
N ALA A 52 2.40 -8.55 15.65
CA ALA A 52 3.79 -8.94 15.45
C ALA A 52 4.52 -7.96 14.53
N LEU A 53 5.71 -7.56 14.97
CA LEU A 53 6.32 -6.47 14.26
C LEU A 53 7.17 -6.96 13.09
N TRP A 54 7.60 -8.23 13.16
CA TRP A 54 8.49 -8.78 12.16
C TRP A 54 7.76 -8.89 10.82
N VAL A 55 6.44 -8.85 10.87
CA VAL A 55 5.68 -9.15 9.68
C VAL A 55 5.94 -8.07 8.65
N VAL A 56 6.14 -6.82 9.09
CA VAL A 56 6.28 -5.68 8.16
C VAL A 56 7.60 -5.84 7.37
N PRO A 57 8.76 -5.93 8.06
CA PRO A 57 10.03 -5.97 7.33
C PRO A 57 10.15 -7.27 6.50
N ALA A 58 9.37 -8.27 6.89
CA ALA A 58 9.24 -9.50 6.13
C ALA A 58 8.47 -9.24 4.82
N LEU A 59 7.41 -8.46 4.85
CA LEU A 59 6.69 -8.25 3.61
C LEU A 59 7.43 -7.23 2.71
N ILE A 60 8.36 -6.49 3.32
CA ILE A 60 9.04 -5.46 2.55
C ILE A 60 10.04 -6.20 1.70
N ALA A 61 10.71 -7.16 2.37
CA ALA A 61 11.53 -8.16 1.69
C ALA A 61 10.84 -8.66 0.42
N ALA A 62 9.59 -9.18 0.60
CA ALA A 62 8.85 -9.83 -0.47
C ALA A 62 8.55 -8.83 -1.59
N SER A 63 8.20 -7.59 -1.20
CA SER A 63 7.87 -6.55 -2.18
C SER A 63 9.08 -6.38 -3.13
N VAL A 64 10.28 -6.39 -2.54
CA VAL A 64 11.50 -6.03 -3.24
C VAL A 64 11.83 -7.15 -4.23
N VAL A 65 11.85 -8.35 -3.67
CA VAL A 65 12.02 -9.55 -4.44
C VAL A 65 10.99 -9.65 -5.58
N ILE A 66 9.68 -9.46 -5.31
CA ILE A 66 8.68 -9.59 -6.34
C ILE A 66 8.97 -8.61 -7.45
N ASP A 67 9.31 -7.36 -7.11
CA ASP A 67 9.70 -6.35 -8.09
C ASP A 67 10.91 -6.78 -8.94
N TYR A 68 12.05 -7.21 -8.31
CA TYR A 68 13.23 -7.67 -9.02
C TYR A 68 12.89 -8.68 -10.09
N VAL A 69 12.14 -9.71 -9.68
CA VAL A 69 11.75 -10.78 -10.58
C VAL A 69 10.88 -10.19 -11.68
N ALA A 70 9.88 -9.40 -11.32
CA ALA A 70 8.95 -8.93 -12.33
C ALA A 70 9.70 -8.15 -13.38
N ILE A 71 10.77 -7.47 -13.00
CA ILE A 71 11.44 -6.60 -13.94
C ILE A 71 12.42 -7.45 -14.71
N THR A 72 13.21 -8.30 -14.04
CA THR A 72 14.20 -9.12 -14.73
C THR A 72 13.50 -10.17 -15.60
N TRP A 73 12.83 -11.14 -15.00
CA TRP A 73 12.10 -12.21 -15.64
C TRP A 73 10.72 -11.85 -16.19
N GLY A 74 9.90 -11.04 -15.56
CA GLY A 74 8.50 -10.85 -15.95
C GLY A 74 8.32 -9.80 -17.03
N GLY A 75 9.37 -9.06 -17.31
CA GLY A 75 9.41 -8.20 -18.48
C GLY A 75 8.61 -6.90 -18.36
N VAL A 76 8.57 -6.37 -17.13
CA VAL A 76 7.92 -5.14 -16.75
C VAL A 76 8.99 -4.07 -16.82
N SER A 77 8.53 -2.88 -17.18
CA SER A 77 9.43 -1.76 -17.38
C SER A 77 10.35 -1.68 -16.17
N ASP A 78 11.63 -1.35 -16.34
CA ASP A 78 12.37 -0.86 -15.18
C ASP A 78 12.33 0.68 -15.09
N PHE A 79 11.24 1.30 -15.58
CA PHE A 79 11.18 2.75 -15.59
C PHE A 79 11.18 3.24 -14.14
N CYS A 80 10.28 2.64 -13.35
CA CYS A 80 9.96 3.11 -12.02
C CYS A 80 11.12 2.82 -11.07
N VAL A 81 12.03 1.91 -11.48
CA VAL A 81 13.21 1.63 -10.66
C VAL A 81 14.34 2.64 -10.90
N SER A 82 14.94 3.18 -9.82
CA SER A 82 15.80 4.36 -9.79
C SER A 82 16.48 4.38 -8.42
N PRO A 83 17.41 5.28 -8.13
CA PRO A 83 17.86 5.50 -6.75
C PRO A 83 16.77 5.86 -5.71
N ALA A 84 15.67 6.51 -6.16
CA ALA A 84 14.54 6.84 -5.29
C ALA A 84 13.75 5.63 -4.80
N TYR A 85 13.95 4.51 -5.50
CA TYR A 85 13.21 3.30 -5.18
C TYR A 85 13.05 3.10 -3.65
N TRP A 86 14.09 3.39 -2.86
CA TRP A 86 14.09 2.92 -1.48
C TRP A 86 13.20 3.76 -0.53
N LEU A 87 12.62 4.80 -1.14
CA LEU A 87 11.77 5.69 -0.41
C LEU A 87 10.40 4.99 -0.25
N LEU A 88 10.22 3.88 -0.99
CA LEU A 88 9.04 3.05 -0.81
C LEU A 88 8.92 2.61 0.65
N ILE A 89 10.10 2.40 1.29
CA ILE A 89 10.10 1.81 2.62
C ILE A 89 9.42 2.71 3.68
N PRO A 90 9.83 3.98 3.85
CA PRO A 90 9.14 4.84 4.80
C PRO A 90 7.68 5.02 4.36
N ALA A 91 7.42 4.89 3.04
CA ALA A 91 6.05 5.02 2.59
C ALA A 91 5.25 3.85 3.17
N TYR A 92 5.89 2.67 3.25
CA TYR A 92 5.20 1.52 3.79
C TYR A 92 5.05 1.68 5.30
N LEU A 93 6.07 2.25 5.96
CA LEU A 93 5.97 2.42 7.39
C LEU A 93 4.86 3.44 7.76
N ALA A 94 4.76 4.49 6.94
CA ALA A 94 3.76 5.52 7.16
C ALA A 94 2.39 4.83 7.02
N LEU A 95 2.26 3.90 6.07
CA LEU A 95 0.98 3.26 5.93
C LEU A 95 0.72 2.33 7.12
N PHE A 96 1.77 1.64 7.59
CA PHE A 96 1.64 0.79 8.77
C PHE A 96 1.22 1.68 9.95
N ALA A 97 1.98 2.75 10.24
CA ALA A 97 1.71 3.56 11.41
C ALA A 97 0.26 4.08 11.33
N GLY A 98 -0.16 4.53 10.16
CA GLY A 98 -1.47 5.11 10.03
C GLY A 98 -2.56 4.09 10.37
N GLY A 99 -2.35 2.79 10.06
CA GLY A 99 -3.28 1.76 10.47
C GLY A 99 -3.25 1.54 11.99
N ARG A 100 -2.05 1.57 12.56
CA ARG A 100 -1.88 1.42 13.99
C ARG A 100 -2.65 2.51 14.69
N PHE A 101 -2.59 3.77 14.18
CA PHE A 101 -3.34 4.92 14.66
C PHE A 101 -4.84 4.63 14.62
N TYR A 102 -5.42 4.40 13.43
CA TYR A 102 -6.83 4.15 13.30
C TYR A 102 -7.30 3.17 14.38
N ALA A 103 -6.49 2.15 14.67
CA ALA A 103 -6.84 1.12 15.64
C ALA A 103 -7.01 1.69 17.04
N ARG A 104 -6.05 2.49 17.51
CA ARG A 104 -6.18 3.26 18.76
C ARG A 104 -7.64 3.65 19.03
N GLY A 105 -8.23 4.57 18.26
CA GLY A 105 -9.61 4.90 18.53
C GLY A 105 -10.50 4.44 17.39
N HIS A 106 -11.16 3.28 17.58
CA HIS A 106 -11.84 2.56 16.50
C HIS A 106 -13.35 2.83 16.54
N SER A 107 -14.04 2.27 17.56
CA SER A 107 -15.48 2.33 17.83
C SER A 107 -16.35 1.56 16.80
N LEU A 108 -15.83 1.41 15.57
CA LEU A 108 -16.49 0.70 14.48
C LEU A 108 -17.88 1.31 14.20
N SER A 109 -18.08 2.60 14.57
CA SER A 109 -19.32 3.34 14.37
C SER A 109 -19.32 4.01 13.00
N LEU A 110 -20.39 4.75 12.65
CA LEU A 110 -20.43 5.47 11.40
C LEU A 110 -19.40 6.60 11.45
N LEU A 111 -19.23 7.20 12.64
CA LEU A 111 -18.20 8.20 12.90
C LEU A 111 -16.82 7.55 12.87
N GLY A 112 -16.78 6.23 13.14
CA GLY A 112 -15.60 5.37 12.99
C GLY A 112 -15.17 5.25 11.52
N LEU A 113 -16.14 5.18 10.61
CA LEU A 113 -15.92 5.20 9.17
C LEU A 113 -15.51 6.61 8.75
N PHE A 114 -16.05 7.63 9.42
CA PHE A 114 -15.66 9.01 9.18
C PHE A 114 -14.25 9.26 9.70
N ARG A 115 -13.90 8.62 10.84
CA ARG A 115 -12.54 8.65 11.38
C ARG A 115 -11.60 7.95 10.41
N LEU A 116 -12.08 6.87 9.79
CA LEU A 116 -11.29 6.11 8.86
C LEU A 116 -10.99 7.03 7.69
N ALA A 117 -12.03 7.51 6.97
CA ALA A 117 -11.84 8.31 5.78
C ALA A 117 -10.80 9.40 5.95
N GLY A 118 -10.65 9.93 7.17
CA GLY A 118 -9.65 10.93 7.49
C GLY A 118 -8.24 10.36 7.55
N VAL A 119 -8.00 9.37 8.41
CA VAL A 119 -6.70 8.69 8.46
C VAL A 119 -6.27 8.26 7.04
N ALA A 120 -7.20 7.60 6.36
CA ALA A 120 -6.95 7.10 5.03
C ALA A 120 -6.41 8.23 4.19
N LEU A 121 -7.09 9.38 4.22
CA LEU A 121 -6.59 10.47 3.39
C LEU A 121 -5.17 10.85 3.75
N ALA A 122 -4.92 10.85 5.06
CA ALA A 122 -3.74 11.43 5.63
C ALA A 122 -2.54 10.52 5.33
N VAL A 123 -2.66 9.20 5.56
CA VAL A 123 -1.51 8.31 5.30
C VAL A 123 -1.23 8.21 3.81
N VAL A 124 -2.28 8.00 3.02
CA VAL A 124 -2.03 7.97 1.61
C VAL A 124 -1.27 9.21 1.12
N ALA A 125 -1.71 10.38 1.55
CA ALA A 125 -1.04 11.61 1.18
C ALA A 125 0.46 11.55 1.47
N VAL A 126 0.79 11.14 2.72
CA VAL A 126 2.16 11.01 3.16
C VAL A 126 2.95 10.06 2.23
N ALA A 127 2.47 8.79 2.09
CA ALA A 127 3.09 7.86 1.16
C ALA A 127 3.20 8.56 -0.22
N GLN A 128 2.14 9.23 -0.67
CA GLN A 128 2.14 9.86 -1.98
C GLN A 128 3.31 10.87 -2.07
N LEU A 129 3.60 11.63 -1.00
CA LEU A 129 4.69 12.58 -1.10
C LEU A 129 6.02 11.85 -1.27
N LEU A 130 6.25 10.90 -0.36
CA LEU A 130 7.46 10.08 -0.33
C LEU A 130 7.71 9.35 -1.66
N THR A 131 6.70 8.69 -2.23
CA THR A 131 6.85 7.97 -3.47
C THR A 131 6.78 8.92 -4.67
N THR A 132 5.69 9.70 -4.84
CA THR A 132 5.53 10.54 -6.02
C THR A 132 6.59 11.65 -6.09
N GLY A 133 6.81 12.26 -4.91
CA GLY A 133 7.80 13.31 -4.77
C GLY A 133 9.24 12.82 -4.79
N GLY A 134 9.50 11.70 -4.08
CA GLY A 134 10.81 11.08 -4.04
C GLY A 134 11.24 10.66 -5.43
N PHE A 135 10.30 10.01 -6.15
CA PHE A 135 10.58 9.59 -7.51
C PHE A 135 10.82 10.82 -8.40
N TYR A 136 9.97 11.85 -8.22
CA TYR A 136 10.09 13.09 -8.99
C TYR A 136 11.50 13.70 -8.89
N PHE A 137 11.95 13.94 -7.63
CA PHE A 137 13.16 14.71 -7.32
C PHE A 137 14.41 13.85 -7.40
N TYR A 138 14.31 12.52 -7.19
CA TYR A 138 15.50 11.77 -6.83
C TYR A 138 15.80 10.61 -7.74
N SER A 139 14.86 10.32 -8.66
CA SER A 139 14.99 9.21 -9.59
C SER A 139 16.06 9.53 -10.61
N GLY A 140 16.07 10.79 -11.08
CA GLY A 140 16.93 11.14 -12.18
C GLY A 140 16.17 11.20 -13.51
N ARG A 141 14.99 10.60 -13.58
CA ARG A 141 14.20 10.60 -14.81
C ARG A 141 13.70 12.00 -15.19
N PHE A 142 13.73 12.98 -14.29
CA PHE A 142 13.10 14.27 -14.58
C PHE A 142 14.20 15.32 -14.59
N ALA A 143 14.38 16.01 -15.73
CA ALA A 143 15.51 16.90 -15.94
C ALA A 143 15.50 18.04 -14.92
N ASP A 144 14.38 18.74 -14.82
CA ASP A 144 14.41 19.92 -13.98
C ASP A 144 13.15 19.95 -13.11
N PRO A 145 13.09 19.11 -12.04
CA PRO A 145 11.94 19.06 -11.14
C PRO A 145 11.79 20.30 -10.27
N THR A 146 10.53 20.72 -10.04
CA THR A 146 10.23 21.94 -9.33
C THR A 146 9.04 21.65 -8.41
N LEU A 147 8.69 22.58 -7.50
CA LEU A 147 7.61 22.27 -6.56
C LEU A 147 6.27 22.24 -7.29
N ALA A 148 6.18 23.01 -8.39
CA ALA A 148 4.93 23.12 -9.10
C ALA A 148 4.67 21.86 -9.92
N GLY A 149 5.73 21.32 -10.51
CA GLY A 149 5.64 20.05 -11.22
C GLY A 149 5.37 18.92 -10.24
N LEU A 150 5.84 19.08 -9.00
CA LEU A 150 5.55 18.10 -7.97
C LEU A 150 4.06 18.13 -7.65
N VAL A 151 3.49 19.32 -7.60
CA VAL A 151 2.08 19.43 -7.27
C VAL A 151 1.24 18.83 -8.40
N LEU A 152 1.65 19.08 -9.65
CA LEU A 152 0.92 18.53 -10.78
C LEU A 152 0.87 17.01 -10.67
N ARG A 153 2.05 16.38 -10.61
CA ARG A 153 2.22 14.96 -10.36
C ARG A 153 1.25 14.50 -9.28
N LEU A 154 1.34 15.11 -8.08
CA LEU A 154 0.54 14.74 -6.93
C LEU A 154 -0.93 14.77 -7.29
N GLU A 155 -1.32 15.80 -8.02
CA GLU A 155 -2.73 15.93 -8.34
C GLU A 155 -3.14 14.80 -9.27
N LYS A 156 -2.18 14.35 -10.10
CA LYS A 156 -2.41 13.33 -11.09
C LYS A 156 -2.63 11.98 -10.41
N TYR A 157 -1.71 11.61 -9.51
CA TYR A 157 -1.59 10.23 -9.06
C TYR A 157 -2.27 10.02 -7.74
N PHE A 158 -2.31 11.01 -6.83
CA PHE A 158 -2.87 10.88 -5.49
C PHE A 158 -4.24 10.23 -5.61
N PRO A 159 -5.19 10.84 -6.37
CA PRO A 159 -6.57 10.36 -6.42
C PRO A 159 -6.69 8.92 -6.91
N PRO A 160 -6.19 8.49 -8.09
CA PRO A 160 -6.37 7.10 -8.49
C PRO A 160 -5.83 6.15 -7.42
N MET A 161 -4.68 6.52 -6.84
CA MET A 161 -3.88 5.66 -5.99
C MET A 161 -4.48 5.67 -4.58
N LEU A 162 -5.45 6.58 -4.34
CA LEU A 162 -6.24 6.58 -3.11
C LEU A 162 -7.46 5.69 -3.31
N GLY A 163 -7.93 5.64 -4.56
CA GLY A 163 -9.03 4.79 -4.95
C GLY A 163 -8.66 3.33 -4.74
N THR A 164 -7.50 2.94 -5.30
CA THR A 164 -7.03 1.59 -5.14
C THR A 164 -7.11 1.26 -3.64
N PHE A 165 -6.46 2.13 -2.86
CA PHE A 165 -6.36 1.95 -1.43
C PHE A 165 -7.74 1.72 -0.80
N ALA A 166 -8.71 2.62 -1.11
CA ALA A 166 -10.12 2.62 -0.72
C ALA A 166 -10.81 1.29 -1.04
N LEU A 167 -10.74 0.86 -2.32
CA LEU A 167 -11.27 -0.41 -2.72
C LEU A 167 -10.77 -1.53 -1.81
N TYR A 168 -9.48 -1.55 -1.45
CA TYR A 168 -9.04 -2.70 -0.70
C TYR A 168 -9.47 -2.56 0.75
N VAL A 169 -9.28 -1.36 1.33
CA VAL A 169 -9.55 -1.17 2.75
C VAL A 169 -11.05 -1.29 3.00
N GLY A 170 -11.87 -0.86 2.03
CA GLY A 170 -13.29 -0.98 2.19
C GLY A 170 -13.71 -2.44 2.09
N LEU A 171 -13.05 -3.15 1.18
CA LEU A 171 -13.36 -4.54 0.97
C LEU A 171 -12.92 -5.36 2.18
N ALA A 172 -11.88 -4.88 2.90
CA ALA A 172 -11.43 -5.50 4.14
C ALA A 172 -12.40 -5.18 5.29
N ALA A 173 -13.13 -4.07 5.20
CA ALA A 173 -14.14 -3.72 6.19
C ALA A 173 -15.43 -4.48 5.92
N THR A 174 -15.72 -4.71 4.63
CA THR A 174 -16.87 -5.48 4.21
C THR A 174 -16.68 -6.94 4.66
N VAL A 175 -15.44 -7.42 4.63
CA VAL A 175 -15.12 -8.80 5.00
C VAL A 175 -15.03 -8.96 6.51
N HIS A 176 -15.04 -7.86 7.27
CA HIS A 176 -14.93 -7.95 8.72
C HIS A 176 -16.31 -8.10 9.34
N VAL A 177 -17.33 -7.46 8.73
CA VAL A 177 -18.72 -7.59 9.16
C VAL A 177 -19.25 -8.99 8.83
N ALA A 178 -18.65 -9.67 7.85
CA ALA A 178 -18.89 -11.09 7.58
C ALA A 178 -18.31 -11.97 8.68
N LEU A 179 -17.42 -11.40 9.51
CA LEU A 179 -16.85 -12.14 10.62
C LEU A 179 -17.52 -11.72 11.93
N ALA A 180 -18.00 -10.48 11.98
CA ALA A 180 -18.83 -10.02 13.09
C ALA A 180 -20.18 -10.74 13.05
N ALA A 181 -20.52 -11.34 11.89
CA ALA A 181 -21.77 -12.07 11.73
C ALA A 181 -21.50 -13.54 11.39
N VAL A 182 -20.64 -14.20 12.19
CA VAL A 182 -20.31 -15.62 12.05
C VAL A 182 -19.84 -16.13 13.42
CO B12 B . 5.34 2.52 -11.24
N21 B12 B . 6.32 3.61 -10.04
N22 B12 B . 5.94 0.92 -10.34
N23 B12 B . 4.84 1.68 -12.90
N24 B12 B . 4.72 4.17 -11.91
C1 B12 B . 6.05 5.07 -10.05
C20 B12 B . 7.09 5.82 -10.86
C2 B12 B . 5.97 5.42 -8.50
C25 B12 B . 6.28 6.85 -8.06
C26 B12 B . 4.56 5.16 -7.95
C27 B12 B . 4.28 5.24 -6.40
O28 B12 B . 3.76 6.25 -5.96
N29 B12 B . 4.51 4.15 -5.66
C3 B12 B . 6.88 4.34 -7.84
C30 B12 B . 8.32 4.82 -7.58
C31 B12 B . 8.59 5.08 -6.10
C32 B12 B . 10.02 5.50 -5.82
O34 B12 B . 10.88 5.49 -6.73
N33 B12 B . 10.27 5.90 -4.57
C4 B12 B . 6.76 3.23 -8.85
C5 B12 B . 7.07 1.84 -8.45
C35 B12 B . 7.90 1.72 -7.20
C6 B12 B . 6.72 0.74 -9.20
C7 B12 B . 7.14 -0.73 -8.99
C36 B12 B . 8.68 -0.85 -9.03
C37 B12 B . 6.72 -1.32 -7.59
C38 B12 B . 5.35 -0.89 -7.21
O39 B12 B . 5.21 0.03 -6.41
N40 B12 B . 4.32 -1.52 -7.75
C8 B12 B . 6.40 -1.48 -10.17
C41 B12 B . 7.29 -2.30 -11.13
C42 B12 B . 7.75 -3.66 -10.59
C43 B12 B . 6.66 -4.71 -10.55
O44 B12 B . 6.50 -5.43 -9.54
N45 B12 B . 5.93 -4.87 -11.67
C9 B12 B . 5.80 -0.33 -10.95
C10 B12 B . 5.09 -0.59 -12.14
C11 B12 B . 4.55 0.37 -13.01
C12 B12 B . 3.73 0.10 -14.27
C46 B12 B . 4.16 -1.17 -15.01
C47 B12 B . 2.22 0.04 -13.99
C13 B12 B . 4.10 1.24 -15.19
C48 B12 B . 5.44 0.94 -15.85
C49 B12 B . 6.15 2.22 -16.26
C50 B12 B . 5.94 2.55 -17.72
O51 B12 B . 5.34 1.76 -18.46
N52 B12 B . 6.47 3.71 -18.15
C14 B12 B . 4.34 2.31 -14.08
C15 B12 B . 4.02 3.64 -14.18
C53 B12 B . 3.38 4.19 -15.41
C16 B12 B . 4.16 4.55 -13.02
C17 B12 B . 3.65 5.96 -12.96
C54 B12 B . 2.11 5.89 -12.97
C55 B12 B . 4.11 6.91 -14.08
C56 B12 B . 5.63 6.92 -14.14
C57 B12 B . 5.93 8.25 -14.73
O58 B12 B . 6.52 9.09 -14.06
N59 B12 B . 5.49 8.46 -15.98
C18 B12 B . 4.26 6.44 -11.60
C60 B12 B . 3.38 7.38 -10.75
C61 B12 B . 4.04 8.43 -9.90
O63 B12 B . 3.71 8.54 -8.70
N62 B12 B . 4.94 9.27 -10.49
C19 B12 B . 4.72 5.19 -10.84
C1P B12 B . 6.33 8.87 -17.09
C2P B12 B . 6.44 10.43 -16.92
C3P B12 B . 7.53 11.12 -17.71
O3 B12 B . 5.11 10.92 -17.24
O4 B12 B . 3.70 11.84 -15.21
O5 B12 B . 5.56 13.18 -16.28
P B12 B . 4.41 12.09 -16.49
O2 B12 B . 3.55 12.46 -17.80
C3R B12 B . 4.10 12.94 -19.02
C2R B12 B . 3.60 12.18 -20.25
O7R B12 B . 2.23 11.93 -20.05
C1R B12 B . 3.80 13.22 -21.34
O6R B12 B . 3.73 14.49 -20.75
C4R B12 B . 3.68 14.38 -19.31
C5R B12 B . 4.55 15.46 -18.73
O8R B12 B . 3.83 16.19 -17.75
N1B B12 B . 2.82 13.18 -22.41
C8B B12 B . 3.05 12.43 -23.54
C2B B12 B . 1.47 13.40 -22.38
N3B B12 B . 0.83 12.87 -23.40
C9B B12 B . 1.81 12.25 -24.14
C4B B12 B . 1.72 11.45 -25.28
C5B B12 B . 2.87 10.86 -25.81
C5M B12 B . 2.71 9.88 -26.95
C6B B12 B . 4.14 11.10 -25.22
C6M B12 B . 5.40 10.65 -25.87
C7B B12 B . 4.21 11.87 -24.07
#